data_7YOM
#
_entry.id   7YOM
#
_cell.length_a   113.140
_cell.length_b   113.140
_cell.length_c   43.740
_cell.angle_alpha   90.000
_cell.angle_beta   90.000
_cell.angle_gamma   90.000
#
_symmetry.space_group_name_H-M   'I 41'
#
loop_
_entity.id
_entity.type
_entity.pdbx_description
1 polymer 'Cysteine synthase'
2 polymer 'peptide from serine acetyltransferase'
3 water water
#
loop_
_entity_poly.entity_id
_entity_poly.type
_entity_poly.pdbx_seq_one_letter_code
_entity_poly.pdbx_strand_id
1 'polypeptide(L)'
;MAIYADNSYSIGNTPLVRLKHFGHNGNVVVKIEGRNPSYSV(LLP)CRIGANMVWQAEKDGTLTKGKEIVEPTSGNTGIA
LAYVAAARGYKITLTMPETMSIERKRLLCGLGVNLVLTEGAKGMKGAIAKAEEIVASDPSRYVMLKQFENPANPQIHRET
TGPEIWKDTDGKVDVVVAGVGTGGSITGISRAIKLDFGKQITSVAVEPVESPVISQTLAGEEVKPGPHKIQGIGAGFIPK
NLDLSIIDRVETVDSDTALATARRLMAEEGILAGISSGAAVAAADRLAKLPEFADKLIVVILPSSSERYLSTALFEGIEG
;
A
2 'polypeptide(L)' IGDGYEFT B
#
# COMPACT_ATOMS: atom_id res chain seq x y z
N MET A 1 0.18 29.05 -11.67
CA MET A 1 0.75 28.92 -10.30
C MET A 1 0.56 27.49 -9.78
N ALA A 2 1.69 26.81 -9.52
CA ALA A 2 1.74 25.45 -9.04
C ALA A 2 1.93 25.38 -7.53
N ILE A 3 0.96 25.90 -6.76
CA ILE A 3 0.96 25.86 -5.31
C ILE A 3 -0.25 25.04 -4.86
N TYR A 4 -0.05 24.15 -3.87
CA TYR A 4 -1.09 23.31 -3.30
C TYR A 4 -1.80 24.00 -2.13
N ALA A 5 -3.14 23.93 -2.11
CA ALA A 5 -3.94 24.57 -1.08
C ALA A 5 -3.62 24.01 0.31
N ASP A 6 -3.35 22.71 0.36
CA ASP A 6 -2.90 21.98 1.54
C ASP A 6 -2.10 20.77 1.09
N ASN A 7 -1.44 20.12 2.06
CA ASN A 7 -0.46 19.06 1.84
C ASN A 7 -1.11 17.81 1.24
N SER A 8 -2.43 17.67 1.35
CA SER A 8 -3.16 16.52 0.84
C SER A 8 -3.11 16.47 -0.70
N TYR A 9 -3.10 17.65 -1.34
CA TYR A 9 -3.19 17.76 -2.79
C TYR A 9 -1.85 17.42 -3.45
N SER A 10 -0.76 17.36 -2.68
CA SER A 10 0.62 17.27 -3.14
C SER A 10 1.06 15.81 -3.42
N ILE A 11 0.13 14.87 -3.36
CA ILE A 11 0.37 13.42 -3.50
C ILE A 11 0.88 13.06 -4.90
N GLY A 12 1.84 12.15 -4.98
CA GLY A 12 2.08 11.45 -6.23
C GLY A 12 3.08 12.15 -7.12
N ASN A 13 2.93 11.94 -8.43
CA ASN A 13 3.93 12.30 -9.43
C ASN A 13 5.29 11.78 -8.98
N THR A 14 5.33 10.54 -8.52
CA THR A 14 6.55 9.89 -8.07
C THR A 14 7.38 9.41 -9.26
N PRO A 15 8.72 9.35 -9.07
CA PRO A 15 9.65 9.07 -10.17
C PRO A 15 9.84 7.59 -10.48
N LEU A 16 10.15 7.31 -11.75
CA LEU A 16 10.64 6.02 -12.20
C LEU A 16 12.17 6.07 -12.28
N VAL A 17 12.84 5.07 -11.69
CA VAL A 17 14.30 4.93 -11.75
C VAL A 17 14.65 3.54 -12.26
N ARG A 18 15.64 3.44 -13.17
CA ARG A 18 16.12 2.18 -13.72
C ARG A 18 17.10 1.53 -12.74
N LEU A 19 16.94 0.22 -12.49
CA LEU A 19 17.86 -0.55 -11.66
C LEU A 19 19.01 -1.06 -12.52
N LYS A 20 20.23 -1.00 -11.98
CA LYS A 20 21.47 -1.31 -12.70
C LYS A 20 22.02 -2.69 -12.33
N HIS A 21 21.65 -3.22 -11.16
CA HIS A 21 22.10 -4.50 -10.63
C HIS A 21 20.92 -5.45 -10.40
N PHE A 22 19.78 -5.14 -11.02
CA PHE A 22 18.65 -6.06 -11.10
C PHE A 22 18.15 -6.13 -12.54
N GLY A 23 17.52 -7.26 -12.87
CA GLY A 23 16.97 -7.47 -14.19
C GLY A 23 18.06 -7.71 -15.22
N HIS A 24 17.67 -7.58 -16.50
CA HIS A 24 18.52 -7.79 -17.67
C HIS A 24 18.54 -6.53 -18.52
N ASN A 25 19.69 -5.86 -18.56
CA ASN A 25 19.91 -4.66 -19.37
C ASN A 25 18.79 -3.65 -19.12
N GLY A 26 18.50 -3.41 -17.83
CA GLY A 26 17.67 -2.33 -17.34
C GLY A 26 16.19 -2.45 -17.70
N ASN A 27 15.68 -3.68 -17.83
CA ASN A 27 14.28 -4.02 -18.05
C ASN A 27 13.46 -3.86 -16.76
N VAL A 28 14.14 -3.58 -15.62
CA VAL A 28 13.47 -3.37 -14.35
C VAL A 28 13.58 -1.90 -13.94
N VAL A 29 12.42 -1.25 -13.77
CA VAL A 29 12.25 0.14 -13.39
C VAL A 29 11.34 0.18 -12.15
N VAL A 30 11.71 1.03 -11.16
CA VAL A 30 11.01 1.15 -9.88
C VAL A 30 10.30 2.49 -9.78
N LYS A 31 9.12 2.47 -9.11
CA LYS A 31 8.33 3.67 -8.87
C LYS A 31 8.39 3.93 -7.37
N ILE A 32 9.01 5.07 -7.02
CA ILE A 32 9.45 5.33 -5.66
C ILE A 32 8.38 6.09 -4.90
N GLU A 33 7.49 5.34 -4.24
CA GLU A 33 6.34 5.89 -3.51
C GLU A 33 6.80 6.49 -2.17
N GLY A 34 8.06 6.22 -1.80
CA GLY A 34 8.75 6.92 -0.73
C GLY A 34 8.77 8.44 -0.93
N ARG A 35 8.76 8.92 -2.19
CA ARG A 35 8.80 10.34 -2.54
C ARG A 35 7.40 10.94 -2.51
N ASN A 36 6.81 10.98 -1.31
CA ASN A 36 5.42 11.37 -1.12
C ASN A 36 5.30 11.95 0.28
N PRO A 37 4.25 12.75 0.53
CA PRO A 37 3.91 13.14 1.90
C PRO A 37 3.76 11.86 2.72
N SER A 38 4.30 11.84 3.94
CA SER A 38 4.16 10.73 4.87
C SER A 38 4.99 9.51 4.44
N TYR A 39 5.80 9.67 3.36
CA TYR A 39 6.85 8.76 2.90
C TYR A 39 6.33 7.39 2.44
N SER A 40 5.10 7.34 1.91
CA SER A 40 4.58 6.09 1.39
C SER A 40 3.42 6.34 0.44
N VAL A 41 3.10 5.28 -0.32
CA VAL A 41 1.98 5.16 -1.22
C VAL A 41 0.68 5.56 -0.52
N CYS A 43 -0.30 7.84 1.33
CA CYS A 43 -0.64 9.26 1.16
C CYS A 43 -1.78 9.46 0.17
N ARG A 44 -1.78 8.72 -0.96
CA ARG A 44 -2.79 8.78 -2.01
C ARG A 44 -4.16 8.37 -1.48
N ILE A 45 -4.24 7.20 -0.80
CA ILE A 45 -5.52 6.64 -0.35
C ILE A 45 -6.01 7.41 0.88
N GLY A 46 -5.05 7.83 1.73
CA GLY A 46 -5.33 8.78 2.81
C GLY A 46 -6.01 10.08 2.33
N ALA A 47 -5.41 10.77 1.37
CA ALA A 47 -6.03 11.91 0.70
C ALA A 47 -7.42 11.60 0.12
N ASN A 48 -7.53 10.56 -0.72
CA ASN A 48 -8.73 10.31 -1.52
C ASN A 48 -9.90 9.77 -0.68
N MET A 49 -9.59 8.99 0.37
CA MET A 49 -10.67 8.44 1.20
C MET A 49 -11.36 9.58 1.98
N VAL A 50 -10.55 10.54 2.43
CA VAL A 50 -11.00 11.75 3.11
C VAL A 50 -11.79 12.61 2.13
N TRP A 51 -11.24 12.85 0.93
CA TRP A 51 -11.85 13.70 -0.09
C TRP A 51 -13.22 13.15 -0.46
N GLN A 52 -13.31 11.81 -0.49
CA GLN A 52 -14.50 11.15 -0.98
C GLN A 52 -15.59 11.22 0.08
N ALA A 53 -15.17 11.03 1.33
CA ALA A 53 -16.04 11.12 2.50
C ALA A 53 -16.65 12.52 2.63
N GLU A 54 -15.87 13.55 2.20
CA GLU A 54 -16.28 14.95 2.16
C GLU A 54 -17.34 15.16 1.09
N LYS A 55 -17.05 14.70 -0.13
CA LYS A 55 -17.97 14.83 -1.26
C LYS A 55 -19.31 14.13 -1.01
N ASP A 56 -19.29 12.97 -0.36
CA ASP A 56 -20.51 12.21 -0.20
C ASP A 56 -21.20 12.55 1.15
N GLY A 57 -20.63 13.47 1.92
CA GLY A 57 -21.23 14.01 3.12
C GLY A 57 -21.09 13.14 4.37
N THR A 58 -20.36 12.03 4.29
CA THR A 58 -20.11 11.18 5.46
C THR A 58 -19.13 11.82 6.44
N LEU A 59 -18.25 12.71 5.92
CA LEU A 59 -17.29 13.48 6.69
C LEU A 59 -17.57 14.97 6.52
N THR A 60 -17.92 15.63 7.65
CA THR A 60 -18.19 17.07 7.68
C THR A 60 -17.41 17.67 8.84
N LYS A 61 -17.35 19.01 8.90
CA LYS A 61 -16.84 19.70 10.08
C LYS A 61 -17.52 19.13 11.33
N GLY A 62 -16.71 18.75 12.33
CA GLY A 62 -17.26 18.29 13.60
C GLY A 62 -17.15 16.78 13.80
N LYS A 63 -17.43 16.00 12.74
CA LYS A 63 -17.28 14.54 12.75
C LYS A 63 -15.79 14.18 12.84
N GLU A 64 -15.46 13.03 13.47
CA GLU A 64 -14.11 12.54 13.72
C GLU A 64 -13.81 11.30 12.87
N ILE A 65 -12.56 11.17 12.37
CA ILE A 65 -12.12 9.95 11.71
C ILE A 65 -11.65 8.95 12.76
N VAL A 66 -12.04 7.68 12.58
CA VAL A 66 -11.57 6.53 13.35
C VAL A 66 -11.18 5.47 12.33
N GLU A 67 -10.03 4.82 12.55
CA GLU A 67 -9.54 3.77 11.67
C GLU A 67 -8.60 2.86 12.46
N PRO A 68 -8.68 1.51 12.28
CA PRO A 68 -7.66 0.62 12.82
C PRO A 68 -6.54 0.44 11.79
N THR A 69 -5.31 0.85 12.13
CA THR A 69 -4.18 0.69 11.23
C THR A 69 -2.87 0.65 12.03
N SER A 70 -2.10 -0.41 11.81
CA SER A 70 -0.81 -0.63 12.47
C SER A 70 0.34 0.00 11.65
N GLY A 71 0.02 0.61 10.49
CA GLY A 71 1.04 0.91 9.50
C GLY A 71 0.94 2.31 8.90
N ASN A 72 1.27 2.42 7.60
CA ASN A 72 1.46 3.70 6.94
C ASN A 72 0.14 4.43 6.70
N THR A 73 -0.98 3.68 6.69
CA THR A 73 -2.30 4.27 6.50
C THR A 73 -2.61 5.25 7.64
N GLY A 74 -2.32 4.84 8.89
CA GLY A 74 -2.45 5.70 10.06
C GLY A 74 -1.68 7.02 9.93
N ILE A 75 -0.41 6.91 9.50
CA ILE A 75 0.47 8.05 9.24
C ILE A 75 -0.14 8.97 8.17
N ALA A 76 -0.59 8.37 7.05
CA ALA A 76 -1.23 9.09 5.94
C ALA A 76 -2.49 9.82 6.41
N LEU A 77 -3.36 9.13 7.18
CA LEU A 77 -4.60 9.73 7.65
C LEU A 77 -4.27 10.86 8.64
N ALA A 78 -3.24 10.64 9.46
CA ALA A 78 -2.83 11.65 10.43
C ALA A 78 -2.45 12.93 9.70
N TYR A 79 -1.58 12.83 8.68
CA TYR A 79 -1.12 13.97 7.89
C TYR A 79 -2.29 14.73 7.26
N VAL A 80 -3.17 14.01 6.54
CA VAL A 80 -4.33 14.58 5.86
C VAL A 80 -5.30 15.21 6.88
N ALA A 81 -5.59 14.51 7.98
CA ALA A 81 -6.44 15.04 9.04
C ALA A 81 -5.92 16.39 9.57
N ALA A 82 -4.60 16.47 9.80
CA ALA A 82 -3.93 17.71 10.17
C ALA A 82 -4.04 18.73 9.04
N ALA A 83 -3.78 18.33 7.79
CA ALA A 83 -3.82 19.23 6.64
C ALA A 83 -5.23 19.77 6.35
N ARG A 84 -6.28 19.06 6.78
CA ARG A 84 -7.63 19.42 6.40
C ARG A 84 -8.49 19.76 7.61
N GLY A 85 -7.90 19.69 8.81
CA GLY A 85 -8.53 20.09 10.06
C GLY A 85 -9.60 19.12 10.60
N TYR A 86 -9.35 17.80 10.59
CA TYR A 86 -10.17 16.82 11.28
C TYR A 86 -9.43 16.28 12.50
N LYS A 87 -10.19 16.04 13.57
CA LYS A 87 -9.75 15.14 14.64
C LYS A 87 -9.69 13.72 14.08
N ILE A 88 -8.76 12.93 14.63
CA ILE A 88 -8.59 11.55 14.24
C ILE A 88 -8.18 10.69 15.45
N THR A 89 -8.83 9.52 15.56
CA THR A 89 -8.47 8.46 16.50
C THR A 89 -7.94 7.26 15.71
N LEU A 90 -6.78 6.72 16.11
CA LEU A 90 -6.26 5.48 15.54
C LEU A 90 -6.10 4.44 16.65
N THR A 91 -6.49 3.19 16.33
CA THR A 91 -6.41 2.05 17.23
C THR A 91 -5.39 1.06 16.68
N MET A 92 -4.55 0.48 17.55
CA MET A 92 -3.62 -0.58 17.18
C MET A 92 -3.15 -1.22 18.48
N PRO A 93 -2.39 -2.36 18.46
CA PRO A 93 -1.86 -2.96 19.69
C PRO A 93 -0.82 -2.14 20.47
N GLU A 94 -0.81 -2.25 21.81
CA GLU A 94 0.22 -1.57 22.58
C GLU A 94 1.62 -1.92 22.03
N THR A 95 1.69 -3.05 21.31
CA THR A 95 2.92 -3.62 20.77
C THR A 95 3.29 -2.94 19.46
N MET A 96 3.52 -1.62 19.52
CA MET A 96 3.91 -0.87 18.35
C MET A 96 5.28 -0.27 18.63
N SER A 97 5.85 0.38 17.59
CA SER A 97 7.11 1.10 17.67
C SER A 97 6.87 2.43 18.37
N ILE A 98 7.70 2.78 19.36
CA ILE A 98 7.58 4.03 20.10
C ILE A 98 7.72 5.24 19.16
N GLU A 99 8.50 5.08 18.09
CA GLU A 99 8.71 6.11 17.08
C GLU A 99 7.39 6.41 16.37
N ARG A 100 6.62 5.37 16.06
CA ARG A 100 5.34 5.52 15.38
C ARG A 100 4.31 6.15 16.30
N LYS A 101 4.27 5.68 17.57
CA LYS A 101 3.38 6.24 18.59
C LYS A 101 3.67 7.74 18.73
N ARG A 102 4.96 8.10 18.84
CA ARG A 102 5.39 9.48 19.05
C ARG A 102 5.11 10.35 17.83
N LEU A 103 5.45 9.85 16.64
CA LEU A 103 5.18 10.57 15.39
C LEU A 103 3.68 10.73 15.18
N LEU A 104 2.89 9.69 15.52
CA LEU A 104 1.44 9.77 15.40
C LEU A 104 0.89 10.79 16.38
N CYS A 105 1.45 10.84 17.60
CA CYS A 105 1.09 11.83 18.60
C CYS A 105 1.48 13.23 18.15
N GLY A 106 2.71 13.35 17.65
CA GLY A 106 3.20 14.57 17.01
C GLY A 106 2.24 15.09 15.94
N LEU A 107 1.55 14.18 15.23
CA LEU A 107 0.67 14.54 14.12
C LEU A 107 -0.74 14.92 14.57
N GLY A 108 -1.00 14.76 15.88
CA GLY A 108 -2.26 15.16 16.48
C GLY A 108 -3.29 14.04 16.57
N VAL A 109 -2.83 12.79 16.54
CA VAL A 109 -3.72 11.63 16.64
C VAL A 109 -4.08 11.39 18.11
N ASN A 110 -5.38 11.21 18.39
CA ASN A 110 -5.90 10.56 19.59
C ASN A 110 -5.65 9.07 19.46
N LEU A 111 -4.60 8.59 20.12
CA LEU A 111 -4.10 7.23 19.99
C LEU A 111 -4.79 6.34 21.03
N VAL A 112 -5.34 5.18 20.59
CA VAL A 112 -5.99 4.21 21.44
C VAL A 112 -5.36 2.83 21.21
N LEU A 113 -4.56 2.35 22.18
CA LEU A 113 -3.72 1.16 22.02
C LEU A 113 -4.37 -0.04 22.70
N THR A 114 -4.64 -1.10 21.94
CA THR A 114 -5.34 -2.28 22.39
C THR A 114 -4.35 -3.37 22.78
N GLU A 115 -4.83 -4.45 23.44
CA GLU A 115 -3.98 -5.54 23.91
C GLU A 115 -3.17 -6.08 22.74
N GLY A 116 -1.87 -6.27 22.97
CA GLY A 116 -0.91 -6.81 22.03
C GLY A 116 -1.18 -8.29 21.75
N ALA A 117 -1.61 -9.03 22.79
CA ALA A 117 -1.96 -10.44 22.65
C ALA A 117 -3.15 -10.62 21.68
N LYS A 118 -4.07 -9.66 21.67
CA LYS A 118 -5.26 -9.70 20.84
C LYS A 118 -5.00 -9.20 19.40
N GLY A 119 -3.88 -8.50 19.14
CA GLY A 119 -3.39 -8.21 17.80
C GLY A 119 -4.27 -7.20 17.06
N MET A 120 -4.33 -7.30 15.72
CA MET A 120 -5.13 -6.40 14.88
C MET A 120 -6.63 -6.62 15.00
N LYS A 121 -7.07 -7.85 15.32
CA LYS A 121 -8.48 -8.18 15.61
C LYS A 121 -8.97 -7.29 16.75
N GLY A 122 -8.13 -7.14 17.79
CA GLY A 122 -8.43 -6.32 18.95
C GLY A 122 -8.59 -4.85 18.60
N ALA A 123 -7.79 -4.40 17.64
CA ALA A 123 -7.76 -3.02 17.15
C ALA A 123 -8.98 -2.71 16.27
N ILE A 124 -9.42 -3.68 15.44
CA ILE A 124 -10.63 -3.53 14.65
C ILE A 124 -11.83 -3.48 15.59
N ALA A 125 -11.90 -4.47 16.49
CA ALA A 125 -12.91 -4.58 17.54
C ALA A 125 -13.08 -3.24 18.26
N LYS A 126 -11.97 -2.67 18.75
CA LYS A 126 -12.00 -1.44 19.53
C LYS A 126 -12.48 -0.29 18.65
N ALA A 127 -11.94 -0.20 17.42
CA ALA A 127 -12.37 0.85 16.51
C ALA A 127 -13.88 0.77 16.28
N GLU A 128 -14.39 -0.45 16.09
CA GLU A 128 -15.82 -0.68 15.89
C GLU A 128 -16.63 -0.24 17.10
N GLU A 129 -16.18 -0.60 18.31
CA GLU A 129 -16.78 -0.12 19.56
C GLU A 129 -16.88 1.40 19.55
N ILE A 130 -15.77 2.11 19.27
CA ILE A 130 -15.71 3.56 19.34
C ILE A 130 -16.76 4.19 18.42
N VAL A 131 -16.82 3.73 17.16
CA VAL A 131 -17.80 4.21 16.19
C VAL A 131 -19.22 3.92 16.67
N ALA A 132 -19.45 2.69 17.16
CA ALA A 132 -20.75 2.25 17.65
C ALA A 132 -21.27 3.11 18.81
N SER A 133 -20.36 3.64 19.64
CA SER A 133 -20.68 4.44 20.81
C SER A 133 -21.27 5.81 20.44
N ASP A 134 -20.95 6.32 19.24
CA ASP A 134 -21.50 7.58 18.74
C ASP A 134 -21.44 7.60 17.21
N PRO A 135 -22.29 6.81 16.52
CA PRO A 135 -22.32 6.77 15.06
C PRO A 135 -22.46 8.10 14.31
N SER A 136 -23.04 9.13 14.94
CA SER A 136 -23.20 10.45 14.33
C SER A 136 -21.90 11.26 14.38
N ARG A 137 -20.97 10.84 15.25
CA ARG A 137 -19.73 11.55 15.57
C ARG A 137 -18.53 10.99 14.81
N TYR A 138 -18.45 9.65 14.68
CA TYR A 138 -17.28 8.95 14.19
C TYR A 138 -17.55 8.34 12.81
N VAL A 139 -16.56 8.41 11.91
CA VAL A 139 -16.56 7.80 10.59
C VAL A 139 -15.30 6.92 10.41
N MET A 140 -15.55 5.63 10.14
CA MET A 140 -14.53 4.66 9.78
C MET A 140 -14.43 4.60 8.25
N LEU A 141 -13.23 4.84 7.73
CA LEU A 141 -13.00 4.89 6.28
C LEU A 141 -12.84 3.50 5.65
N LYS A 142 -12.40 2.49 6.43
CA LYS A 142 -12.34 1.07 6.08
C LYS A 142 -11.48 0.82 4.84
N GLN A 143 -10.15 0.89 5.04
CA GLN A 143 -9.14 0.95 3.99
C GLN A 143 -9.16 -0.31 3.11
N PHE A 144 -9.62 -1.43 3.70
CA PHE A 144 -9.53 -2.73 3.06
C PHE A 144 -10.63 -2.92 2.02
N GLU A 145 -11.70 -2.11 2.10
CA GLU A 145 -12.88 -2.33 1.27
C GLU A 145 -13.40 -1.05 0.59
N ASN A 146 -12.91 0.14 1.02
CA ASN A 146 -13.36 1.44 0.52
C ASN A 146 -12.90 1.60 -0.93
N PRO A 147 -13.84 1.76 -1.89
CA PRO A 147 -13.46 1.89 -3.30
C PRO A 147 -12.56 3.09 -3.60
N ALA A 148 -12.60 4.14 -2.76
CA ALA A 148 -11.78 5.34 -2.96
C ALA A 148 -10.29 5.04 -2.89
N ASN A 149 -9.92 3.87 -2.32
CA ASN A 149 -8.57 3.30 -2.30
C ASN A 149 -8.11 2.97 -3.74
N PRO A 150 -8.58 1.89 -4.39
CA PRO A 150 -8.16 1.63 -5.77
C PRO A 150 -8.50 2.75 -6.74
N GLN A 151 -9.50 3.59 -6.43
CA GLN A 151 -9.90 4.63 -7.39
C GLN A 151 -8.75 5.61 -7.57
N ILE A 152 -8.07 5.95 -6.48
CA ILE A 152 -7.03 6.97 -6.57
C ILE A 152 -5.86 6.45 -7.40
N HIS A 153 -5.67 5.11 -7.38
CA HIS A 153 -4.60 4.44 -8.10
C HIS A 153 -4.91 4.42 -9.59
N ARG A 154 -6.21 4.34 -9.88
CA ARG A 154 -6.68 4.33 -11.25
C ARG A 154 -6.56 5.73 -11.83
N GLU A 155 -6.70 6.77 -10.99
CA GLU A 155 -6.73 8.18 -11.40
C GLU A 155 -5.34 8.83 -11.45
N THR A 156 -4.38 8.35 -10.64
CA THR A 156 -3.08 9.00 -10.48
C THR A 156 -1.94 8.01 -10.74
N THR A 157 -1.80 7.02 -9.87
CA THR A 157 -0.63 6.13 -9.87
C THR A 157 -0.43 5.50 -11.24
N GLY A 158 -1.43 4.75 -11.72
CA GLY A 158 -1.45 4.16 -13.05
C GLY A 158 -1.18 5.16 -14.17
N PRO A 159 -1.98 6.25 -14.35
CA PRO A 159 -1.69 7.24 -15.39
C PRO A 159 -0.26 7.80 -15.35
N GLU A 160 0.31 8.00 -14.16
CA GLU A 160 1.71 8.43 -14.03
C GLU A 160 2.64 7.42 -14.72
N ILE A 161 2.44 6.11 -14.45
CA ILE A 161 3.20 5.03 -15.05
C ILE A 161 3.00 5.01 -16.57
N TRP A 162 1.74 5.13 -17.04
CA TRP A 162 1.48 5.12 -18.47
C TRP A 162 2.26 6.24 -19.13
N LYS A 163 2.11 7.45 -18.59
CA LYS A 163 2.71 8.67 -19.09
C LYS A 163 4.25 8.55 -19.15
N ASP A 164 4.85 8.13 -18.02
CA ASP A 164 6.29 8.07 -17.84
C ASP A 164 6.99 7.09 -18.79
N THR A 165 6.27 6.04 -19.20
CA THR A 165 6.80 4.97 -20.03
C THR A 165 6.29 5.07 -21.47
N ASP A 166 5.61 6.18 -21.81
CA ASP A 166 5.01 6.30 -23.14
C ASP A 166 4.20 5.06 -23.47
N GLY A 167 3.60 4.47 -22.44
CA GLY A 167 2.74 3.32 -22.61
C GLY A 167 3.49 2.05 -22.97
N LYS A 168 4.82 2.05 -22.79
CA LYS A 168 5.65 0.90 -23.10
C LYS A 168 5.73 -0.10 -21.94
N VAL A 169 5.24 0.27 -20.75
CA VAL A 169 5.09 -0.64 -19.63
C VAL A 169 4.40 -1.94 -20.05
N ASP A 170 4.97 -3.08 -19.68
CA ASP A 170 4.50 -4.39 -20.09
C ASP A 170 4.01 -5.22 -18.91
N VAL A 171 4.62 -4.99 -17.74
CA VAL A 171 4.39 -5.77 -16.53
C VAL A 171 4.40 -4.80 -15.35
N VAL A 172 3.40 -4.94 -14.46
CA VAL A 172 3.44 -4.22 -13.20
C VAL A 172 3.46 -5.24 -12.05
N VAL A 173 4.47 -5.11 -11.19
CA VAL A 173 4.66 -5.90 -9.98
C VAL A 173 4.46 -5.00 -8.77
N ALA A 174 3.59 -5.46 -7.86
CA ALA A 174 3.19 -4.75 -6.67
C ALA A 174 2.81 -5.78 -5.62
N GLY A 175 3.40 -5.63 -4.43
CA GLY A 175 2.96 -6.29 -3.20
C GLY A 175 1.53 -5.91 -2.90
N VAL A 176 0.79 -6.82 -2.28
CA VAL A 176 -0.61 -6.60 -1.93
C VAL A 176 -0.74 -6.51 -0.42
N GLY A 177 -1.32 -5.39 0.03
CA GLY A 177 -1.66 -5.14 1.42
C GLY A 177 -3.18 -5.00 1.55
N THR A 178 -3.70 -3.86 1.07
CA THR A 178 -5.12 -3.66 0.81
C THR A 178 -5.49 -4.12 -0.61
N GLY A 179 -4.51 -4.19 -1.50
CA GLY A 179 -4.80 -4.56 -2.88
C GLY A 179 -5.12 -3.35 -3.77
N GLY A 180 -5.17 -2.17 -3.20
CA GLY A 180 -5.62 -1.01 -3.96
C GLY A 180 -4.69 -0.63 -5.12
N SER A 181 -3.37 -0.70 -4.88
CA SER A 181 -2.33 -0.35 -5.83
C SER A 181 -2.44 -1.20 -7.09
N ILE A 182 -2.42 -2.52 -6.91
CA ILE A 182 -2.46 -3.42 -8.06
C ILE A 182 -3.80 -3.29 -8.76
N THR A 183 -4.89 -3.19 -7.98
CA THR A 183 -6.24 -3.04 -8.51
C THR A 183 -6.32 -1.84 -9.43
N GLY A 184 -6.03 -0.65 -8.87
CA GLY A 184 -6.25 0.63 -9.51
C GLY A 184 -5.32 0.80 -10.70
N ILE A 185 -4.05 0.43 -10.49
CA ILE A 185 -3.05 0.52 -11.53
C ILE A 185 -3.47 -0.31 -12.73
N SER A 186 -3.85 -1.59 -12.49
CA SER A 186 -4.23 -2.55 -13.52
C SER A 186 -5.47 -2.06 -14.26
N ARG A 187 -6.43 -1.50 -13.53
CA ARG A 187 -7.66 -1.01 -14.14
C ARG A 187 -7.34 0.13 -15.10
N ALA A 188 -6.47 1.07 -14.69
CA ALA A 188 -6.06 2.20 -15.52
C ALA A 188 -5.44 1.72 -16.83
N ILE A 189 -4.42 0.86 -16.71
CA ILE A 189 -3.58 0.53 -17.84
C ILE A 189 -4.34 -0.37 -18.82
N LYS A 190 -5.06 -1.37 -18.27
CA LYS A 190 -5.79 -2.36 -19.05
C LYS A 190 -7.13 -1.84 -19.56
N LEU A 191 -7.91 -1.13 -18.71
CA LEU A 191 -9.27 -0.73 -19.02
C LEU A 191 -9.30 0.64 -19.70
N ASP A 192 -8.59 1.62 -19.13
CA ASP A 192 -8.65 3.00 -19.57
C ASP A 192 -7.74 3.25 -20.77
N PHE A 193 -6.50 2.73 -20.76
CA PHE A 193 -5.54 2.90 -21.84
C PHE A 193 -5.55 1.71 -22.83
N GLY A 194 -5.99 0.53 -22.35
CA GLY A 194 -6.33 -0.58 -23.21
C GLY A 194 -5.11 -1.40 -23.63
N LYS A 195 -4.04 -1.36 -22.84
CA LYS A 195 -2.90 -2.25 -23.05
C LYS A 195 -2.96 -3.51 -22.16
N GLN A 196 -2.78 -4.69 -22.75
CA GLN A 196 -2.86 -5.95 -22.02
C GLN A 196 -1.53 -6.30 -21.36
N ILE A 197 -1.18 -5.59 -20.28
CA ILE A 197 0.00 -5.81 -19.45
C ILE A 197 -0.24 -7.01 -18.53
N THR A 198 0.84 -7.52 -17.93
CA THR A 198 0.78 -8.64 -16.99
C THR A 198 0.89 -8.08 -15.58
N SER A 199 -0.18 -8.19 -14.79
CA SER A 199 -0.28 -7.71 -13.42
C SER A 199 0.13 -8.82 -12.45
N VAL A 200 1.19 -8.56 -11.70
CA VAL A 200 1.83 -9.52 -10.82
C VAL A 200 1.68 -9.06 -9.37
N ALA A 201 0.90 -9.83 -8.63
CA ALA A 201 0.75 -9.62 -7.20
C ALA A 201 1.92 -10.30 -6.51
N VAL A 202 2.38 -9.67 -5.41
CA VAL A 202 3.41 -10.25 -4.56
C VAL A 202 2.84 -10.39 -3.14
N GLU A 203 3.16 -11.51 -2.51
CA GLU A 203 2.74 -11.82 -1.15
C GLU A 203 3.82 -12.68 -0.49
N PRO A 204 3.85 -12.77 0.86
CA PRO A 204 4.84 -13.62 1.53
C PRO A 204 4.59 -15.11 1.28
N VAL A 205 5.66 -15.88 1.02
CA VAL A 205 5.61 -17.33 1.00
C VAL A 205 5.09 -17.84 2.34
N GLU A 206 5.33 -17.05 3.42
CA GLU A 206 4.92 -17.36 4.79
C GLU A 206 3.40 -17.32 4.98
N SER A 207 2.69 -16.66 4.05
CA SER A 207 1.28 -16.34 4.17
C SER A 207 0.69 -16.15 2.77
N PRO A 208 0.74 -17.21 1.93
CA PRO A 208 0.47 -17.11 0.50
C PRO A 208 -1.00 -17.32 0.17
N VAL A 209 -1.86 -16.49 0.77
CA VAL A 209 -3.30 -16.69 0.79
C VAL A 209 -3.90 -16.49 -0.60
N ILE A 210 -3.30 -15.60 -1.42
CA ILE A 210 -3.74 -15.38 -2.80
C ILE A 210 -3.43 -16.61 -3.66
N SER A 211 -2.18 -17.09 -3.56
CA SER A 211 -1.73 -18.31 -4.23
C SER A 211 -2.58 -19.52 -3.83
N GLN A 212 -2.86 -19.68 -2.53
CA GLN A 212 -3.61 -20.82 -2.04
C GLN A 212 -5.04 -20.78 -2.58
N THR A 213 -5.64 -19.58 -2.56
CA THR A 213 -7.01 -19.41 -3.03
C THR A 213 -7.12 -19.75 -4.51
N LEU A 214 -6.24 -19.17 -5.33
CA LEU A 214 -6.24 -19.37 -6.77
C LEU A 214 -5.95 -20.83 -7.15
N ALA A 215 -5.21 -21.56 -6.28
CA ALA A 215 -4.93 -22.97 -6.46
C ALA A 215 -6.08 -23.87 -5.97
N GLY A 216 -7.08 -23.27 -5.30
CA GLY A 216 -8.20 -23.99 -4.73
C GLY A 216 -7.77 -24.81 -3.53
N GLU A 217 -6.71 -24.36 -2.85
CA GLU A 217 -6.19 -25.02 -1.65
C GLU A 217 -6.76 -24.36 -0.40
N GLU A 218 -6.55 -24.98 0.77
CA GLU A 218 -6.94 -24.37 2.03
C GLU A 218 -6.04 -23.15 2.25
N VAL A 219 -6.68 -22.02 2.57
CA VAL A 219 -6.03 -20.77 2.94
C VAL A 219 -5.36 -20.92 4.32
N LYS A 220 -4.03 -20.75 4.38
CA LYS A 220 -3.27 -20.96 5.60
C LYS A 220 -2.32 -19.79 5.84
N PRO A 221 -2.83 -18.67 6.41
CA PRO A 221 -1.96 -17.51 6.74
C PRO A 221 -0.91 -17.91 7.79
N GLY A 222 0.09 -17.03 7.92
CA GLY A 222 1.17 -17.12 8.89
C GLY A 222 1.78 -15.74 9.14
N PRO A 223 2.51 -15.56 10.26
CA PRO A 223 3.29 -14.33 10.47
C PRO A 223 4.52 -14.25 9.56
N HIS A 224 4.93 -13.01 9.24
CA HIS A 224 6.05 -12.69 8.38
C HIS A 224 6.60 -11.32 8.80
N LYS A 225 7.71 -10.89 8.18
CA LYS A 225 8.39 -9.65 8.56
C LYS A 225 8.28 -8.53 7.52
N ILE A 226 7.54 -8.72 6.43
CA ILE A 226 7.46 -7.77 5.33
C ILE A 226 6.27 -6.82 5.55
N GLN A 227 6.49 -5.66 6.21
CA GLN A 227 5.41 -4.78 6.61
C GLN A 227 4.77 -4.13 5.40
N GLY A 228 3.42 -4.05 5.43
CA GLY A 228 2.65 -3.44 4.36
C GLY A 228 1.88 -4.48 3.57
N ILE A 229 2.35 -5.73 3.54
CA ILE A 229 1.74 -6.77 2.72
C ILE A 229 1.38 -7.97 3.61
N GLY A 230 0.81 -9.04 3.03
CA GLY A 230 0.42 -10.23 3.76
C GLY A 230 -0.59 -9.98 4.89
N ALA A 231 -1.82 -9.57 4.55
CA ALA A 231 -2.93 -9.46 5.49
C ALA A 231 -3.41 -10.79 6.10
N GLY A 232 -3.15 -11.92 5.43
CA GLY A 232 -3.66 -13.19 5.92
C GLY A 232 -5.08 -13.48 5.42
N PHE A 233 -5.56 -12.62 4.50
CA PHE A 233 -6.87 -12.72 3.87
C PHE A 233 -6.81 -11.99 2.53
N ILE A 234 -7.81 -12.23 1.67
CA ILE A 234 -8.02 -11.51 0.42
C ILE A 234 -8.87 -10.28 0.74
N PRO A 235 -8.30 -9.05 0.62
CA PRO A 235 -9.09 -7.82 0.82
C PRO A 235 -10.10 -7.58 -0.29
N LYS A 236 -11.20 -6.89 0.02
CA LYS A 236 -12.26 -6.50 -0.92
C LYS A 236 -11.68 -5.53 -1.97
N ASN A 237 -10.57 -4.86 -1.64
CA ASN A 237 -9.92 -3.94 -2.55
C ASN A 237 -8.91 -4.65 -3.45
N LEU A 238 -8.84 -5.99 -3.37
CA LEU A 238 -8.05 -6.77 -4.31
C LEU A 238 -8.99 -7.39 -5.33
N ASP A 239 -8.93 -6.87 -6.56
CA ASP A 239 -9.67 -7.34 -7.72
C ASP A 239 -8.95 -8.53 -8.34
N LEU A 240 -9.31 -9.74 -7.90
CA LEU A 240 -8.69 -10.96 -8.41
C LEU A 240 -8.71 -11.00 -9.94
N SER A 241 -9.74 -10.39 -10.53
CA SER A 241 -10.02 -10.56 -11.95
C SER A 241 -8.94 -9.92 -12.84
N ILE A 242 -8.21 -8.91 -12.31
CA ILE A 242 -7.17 -8.22 -13.07
C ILE A 242 -5.78 -8.80 -12.76
N ILE A 243 -5.67 -9.84 -11.91
CA ILE A 243 -4.38 -10.39 -11.51
C ILE A 243 -3.99 -11.51 -12.46
N ASP A 244 -2.82 -11.39 -13.12
CA ASP A 244 -2.39 -12.35 -14.12
C ASP A 244 -1.50 -13.43 -13.49
N ARG A 245 -0.79 -13.07 -12.42
CA ARG A 245 0.23 -13.94 -11.85
C ARG A 245 0.41 -13.55 -10.40
N VAL A 246 0.75 -14.52 -9.55
CA VAL A 246 1.07 -14.24 -8.16
C VAL A 246 2.43 -14.86 -7.88
N GLU A 247 3.39 -14.03 -7.43
CA GLU A 247 4.71 -14.45 -6.99
C GLU A 247 4.78 -14.38 -5.47
N THR A 248 5.33 -15.42 -4.84
CA THR A 248 5.61 -15.40 -3.41
C THR A 248 7.08 -15.08 -3.18
N VAL A 249 7.39 -14.31 -2.12
CA VAL A 249 8.75 -13.97 -1.72
C VAL A 249 8.84 -14.22 -0.22
N ASP A 250 10.01 -14.68 0.25
CA ASP A 250 10.25 -14.93 1.65
C ASP A 250 10.80 -13.65 2.31
N SER A 251 10.60 -13.54 3.64
CA SER A 251 11.03 -12.41 4.44
C SER A 251 12.52 -12.11 4.28
N ASP A 252 13.39 -13.14 4.36
CA ASP A 252 14.82 -12.93 4.36
C ASP A 252 15.28 -12.33 3.04
N THR A 253 14.79 -12.89 1.92
CA THR A 253 15.11 -12.40 0.59
C THR A 253 14.61 -10.98 0.40
N ALA A 254 13.39 -10.67 0.88
CA ALA A 254 12.84 -9.33 0.76
C ALA A 254 13.74 -8.34 1.49
N LEU A 255 14.23 -8.74 2.68
CA LEU A 255 15.12 -7.92 3.48
C LEU A 255 16.50 -7.76 2.81
N ALA A 256 17.04 -8.85 2.27
CA ALA A 256 18.33 -8.79 1.60
C ALA A 256 18.23 -7.86 0.39
N THR A 257 17.05 -7.89 -0.28
CA THR A 257 16.85 -7.14 -1.50
C THR A 257 16.74 -5.65 -1.20
N ALA A 258 16.03 -5.29 -0.10
CA ALA A 258 15.90 -3.93 0.41
C ALA A 258 17.28 -3.36 0.72
N ARG A 259 18.10 -4.15 1.40
CA ARG A 259 19.47 -3.75 1.72
C ARG A 259 20.29 -3.53 0.44
N ARG A 260 20.14 -4.40 -0.57
CA ARG A 260 20.84 -4.29 -1.84
C ARG A 260 20.41 -3.03 -2.61
N LEU A 261 19.11 -2.70 -2.57
CA LEU A 261 18.61 -1.48 -3.19
C LEU A 261 19.36 -0.26 -2.64
N MET A 262 19.56 -0.24 -1.32
CA MET A 262 20.24 0.83 -0.62
C MET A 262 21.72 0.89 -1.04
N ALA A 263 22.42 -0.27 -0.94
CA ALA A 263 23.86 -0.33 -0.99
C ALA A 263 24.38 -0.33 -2.44
N GLU A 264 23.56 -0.77 -3.39
CA GLU A 264 24.00 -0.99 -4.76
C GLU A 264 23.35 0.01 -5.72
N GLU A 265 22.12 0.45 -5.40
CA GLU A 265 21.33 1.30 -6.29
C GLU A 265 21.18 2.72 -5.73
N GLY A 266 21.53 2.90 -4.44
CA GLY A 266 21.36 4.12 -3.69
C GLY A 266 19.89 4.54 -3.55
N ILE A 267 19.02 3.56 -3.24
CA ILE A 267 17.58 3.74 -3.11
C ILE A 267 17.17 3.29 -1.71
N LEU A 268 16.47 4.16 -0.98
CA LEU A 268 16.04 3.96 0.40
C LEU A 268 14.58 3.51 0.39
N ALA A 269 14.41 2.18 0.37
CA ALA A 269 13.12 1.54 0.27
C ALA A 269 12.95 0.56 1.43
N GLY A 270 11.69 0.28 1.79
CA GLY A 270 11.36 -0.56 2.93
C GLY A 270 11.38 -2.02 2.52
N ILE A 271 11.03 -2.90 3.47
CA ILE A 271 11.20 -4.32 3.25
C ILE A 271 10.27 -4.78 2.14
N SER A 272 9.07 -4.22 2.08
CA SER A 272 8.08 -4.57 1.07
C SER A 272 8.53 -4.13 -0.31
N SER A 273 9.33 -3.06 -0.39
CA SER A 273 9.99 -2.68 -1.63
C SER A 273 10.98 -3.77 -2.11
N GLY A 274 11.76 -4.30 -1.16
CA GLY A 274 12.61 -5.45 -1.37
C GLY A 274 11.87 -6.66 -1.93
N ALA A 275 10.67 -6.91 -1.39
CA ALA A 275 9.84 -8.03 -1.80
C ALA A 275 9.45 -7.89 -3.26
N ALA A 276 9.00 -6.68 -3.61
CA ALA A 276 8.49 -6.34 -4.93
C ALA A 276 9.59 -6.53 -5.98
N VAL A 277 10.79 -6.03 -5.67
CA VAL A 277 11.96 -6.11 -6.53
C VAL A 277 12.44 -7.57 -6.68
N ALA A 278 12.48 -8.33 -5.57
CA ALA A 278 12.89 -9.73 -5.60
C ALA A 278 12.03 -10.52 -6.59
N ALA A 279 10.71 -10.28 -6.56
CA ALA A 279 9.72 -10.90 -7.43
C ALA A 279 9.90 -10.47 -8.90
N ALA A 280 10.15 -9.17 -9.11
CA ALA A 280 10.32 -8.58 -10.43
C ALA A 280 11.59 -9.13 -11.08
N ASP A 281 12.66 -9.17 -10.28
CA ASP A 281 13.94 -9.72 -10.69
C ASP A 281 13.80 -11.17 -11.17
N ARG A 282 13.01 -11.99 -10.43
CA ARG A 282 12.75 -13.37 -10.80
C ARG A 282 12.16 -13.46 -12.20
N LEU A 283 11.15 -12.65 -12.47
CA LEU A 283 10.46 -12.69 -13.75
C LEU A 283 11.33 -12.10 -14.84
N ALA A 284 12.08 -11.03 -14.51
CA ALA A 284 12.94 -10.28 -15.43
C ALA A 284 14.06 -11.14 -16.02
N LYS A 285 14.33 -12.28 -15.37
CA LYS A 285 15.44 -13.17 -15.72
C LYS A 285 14.92 -14.46 -16.33
N LEU A 286 13.61 -14.50 -16.61
CA LEU A 286 13.02 -15.47 -17.53
C LEU A 286 13.10 -14.89 -18.94
N PRO A 287 13.66 -15.62 -19.94
CA PRO A 287 13.62 -15.19 -21.33
C PRO A 287 12.27 -14.62 -21.78
N GLU A 288 11.16 -15.16 -21.28
CA GLU A 288 9.84 -14.71 -21.70
C GLU A 288 9.58 -13.24 -21.33
N PHE A 289 10.30 -12.70 -20.32
CA PHE A 289 10.17 -11.31 -19.89
C PHE A 289 11.43 -10.48 -20.16
N ALA A 290 12.33 -10.98 -21.03
CA ALA A 290 13.62 -10.34 -21.27
C ALA A 290 13.48 -9.01 -22.01
N ASP A 291 12.48 -8.91 -22.89
CA ASP A 291 12.19 -7.75 -23.71
C ASP A 291 10.90 -7.05 -23.26
N LYS A 292 10.55 -7.23 -21.99
CA LYS A 292 9.43 -6.54 -21.37
C LYS A 292 9.95 -5.48 -20.40
N LEU A 293 9.35 -4.28 -20.44
CA LEU A 293 9.57 -3.24 -19.45
C LEU A 293 8.70 -3.52 -18.20
N ILE A 294 9.38 -3.79 -17.07
CA ILE A 294 8.78 -4.23 -15.81
C ILE A 294 8.81 -3.05 -14.85
N VAL A 295 7.62 -2.61 -14.39
CA VAL A 295 7.50 -1.53 -13.41
C VAL A 295 7.12 -2.13 -12.06
N VAL A 296 7.93 -1.79 -11.04
CA VAL A 296 7.81 -2.28 -9.68
C VAL A 296 7.45 -1.11 -8.77
N ILE A 297 6.38 -1.29 -7.97
CA ILE A 297 6.05 -0.33 -6.91
C ILE A 297 6.97 -0.59 -5.73
N LEU A 298 7.70 0.45 -5.31
CA LEU A 298 8.37 0.54 -4.02
C LEU A 298 7.44 1.33 -3.11
N PRO A 299 6.68 0.65 -2.22
CA PRO A 299 5.55 1.28 -1.55
C PRO A 299 5.95 2.41 -0.59
N SER A 300 7.12 2.28 0.01
CA SER A 300 7.53 3.14 1.11
C SER A 300 9.04 3.28 1.06
N SER A 301 9.54 4.09 1.99
CA SER A 301 10.94 4.30 2.24
C SER A 301 11.36 3.52 3.48
N SER A 302 12.68 3.30 3.60
CA SER A 302 13.36 2.53 4.62
C SER A 302 12.85 2.87 6.03
N ILE B 1 -1.05 -1.83 4.44
CA ILE B 1 -1.70 -2.13 5.75
C ILE B 1 -0.90 -1.50 6.88
N GLY B 2 0.10 -2.27 7.32
CA GLY B 2 0.88 -2.15 8.54
C GLY B 2 0.78 -3.44 9.37
N ASP B 3 -0.25 -4.26 9.06
CA ASP B 3 -0.70 -5.43 9.80
C ASP B 3 -2.21 -5.59 9.51
N GLY B 4 -2.59 -6.60 8.71
CA GLY B 4 -3.98 -7.02 8.54
C GLY B 4 -4.39 -8.10 9.56
N TYR B 5 -3.60 -9.18 9.62
CA TYR B 5 -3.66 -10.12 10.73
C TYR B 5 -2.38 -10.96 10.72
N GLU B 6 -1.23 -10.30 10.55
CA GLU B 6 0.05 -10.97 10.43
C GLU B 6 1.15 -10.02 10.85
N PHE B 7 2.37 -10.25 10.32
CA PHE B 7 3.49 -9.32 10.43
C PHE B 7 4.13 -9.39 11.83
N THR B 8 5.46 -9.48 11.88
CA THR B 8 6.23 -9.55 13.12
C THR B 8 5.62 -10.61 14.04
#